data_5UD2
#
_entry.id   5UD2
#
_cell.length_a   39.407
_cell.length_b   63.089
_cell.length_c   64.789
_cell.angle_alpha   82.51
_cell.angle_beta   75.96
_cell.angle_gamma   74.39
#
_symmetry.space_group_name_H-M   'P 1'
#
loop_
_entity.id
_entity.type
_entity.pdbx_description
1 polymer 'Fructose-bisphosphate aldolase'
2 non-polymer 'SODIUM ION'
3 non-polymer 'ZINC ION'
4 non-polymer 1,3-DIHYDROXYACETONEPHOSPHATE
5 water water
#
_entity_poly.entity_id   1
_entity_poly.type   'polypeptide(L)'
_entity_poly.pdbx_seq_one_letter_code
;MLVKGNEILLKAHKEGYGVGAFNFVNFEMLNAIFEAGNEENSPLFIQASEGAIKYMGIDMAVGMVKIMCERYPHIPVALH
LDHGTTFESCEKAVKAGFTSVMIDASHHAFEENLELTSKVVKMAHNAGVSVEAELGRLMGIEDNISVDEKDAVLVNPKEA
EQFVKESQVDYLAPAIGTSQGAFKFKGEPKLDFERLQEVKRLTNIPLVLHGASAIPDNVRKSYLDAGGDLKGSKGVPFEF
LQESVKGGINKVNTDTDLRIAFIAEVRKVANEDKSQFDLRKFFSPAQLALKNVVKERMKLLGSANKI
;
_entity_poly.pdbx_strand_id   A,B
#
loop_
_chem_comp.id
_chem_comp.type
_chem_comp.name
_chem_comp.formula
13P non-polymer 1,3-DIHYDROXYACETONEPHOSPHATE 'C3 H7 O6 P'
NA non-polymer 'SODIUM ION' 'Na 1'
ZN non-polymer 'ZINC ION' 'Zn 2'
#
# COMPACT_ATOMS: atom_id res chain seq x y z
N MET A 1 18.84 -9.43 -2.34
CA MET A 1 19.26 -8.16 -1.69
C MET A 1 19.08 -6.99 -2.67
N LEU A 2 19.01 -5.78 -2.14
CA LEU A 2 18.88 -4.58 -2.96
C LEU A 2 20.25 -4.25 -3.57
N VAL A 3 20.36 -4.39 -4.89
CA VAL A 3 21.65 -4.36 -5.57
C VAL A 3 21.60 -3.43 -6.76
N LYS A 4 22.78 -3.10 -7.27
CA LYS A 4 22.89 -2.29 -8.48
C LYS A 4 22.20 -2.98 -9.64
N GLY A 5 21.49 -2.18 -10.46
CA GLY A 5 20.79 -2.76 -11.59
C GLY A 5 21.67 -3.60 -12.48
N ASN A 6 22.90 -3.14 -12.72
CA ASN A 6 23.81 -3.83 -13.63
C ASN A 6 24.19 -5.21 -13.10
N GLU A 7 24.26 -5.38 -11.77
CA GLU A 7 24.60 -6.68 -11.22
C GLU A 7 23.64 -7.76 -11.72
N ILE A 8 22.35 -7.44 -11.81
CA ILE A 8 21.37 -8.40 -12.29
C ILE A 8 21.43 -8.55 -13.79
N LEU A 9 21.52 -7.43 -14.52
CA LEU A 9 21.36 -7.50 -15.97
C LEU A 9 22.64 -7.95 -16.67
N LEU A 10 23.81 -7.72 -16.08
CA LEU A 10 25.04 -8.27 -16.64
C LEU A 10 25.00 -9.80 -16.62
N LYS A 11 24.51 -10.38 -15.53
CA LYS A 11 24.35 -11.83 -15.48
C LYS A 11 23.40 -12.30 -16.57
N ALA A 12 22.26 -11.62 -16.71
CA ALA A 12 21.30 -11.98 -17.75
C ALA A 12 21.90 -11.79 -19.14
N HIS A 13 22.69 -10.73 -19.31
CA HIS A 13 23.38 -10.47 -20.57
C HIS A 13 24.32 -11.62 -20.93
N LYS A 14 25.15 -12.04 -19.97
CA LYS A 14 26.15 -13.06 -20.25
C LYS A 14 25.54 -14.45 -20.43
N GLU A 15 24.38 -14.71 -19.81
CA GLU A 15 23.75 -16.02 -19.87
C GLU A 15 22.59 -16.09 -20.86
N GLY A 16 22.16 -14.96 -21.40
CA GLY A 16 21.16 -14.95 -22.46
C GLY A 16 19.71 -15.18 -22.03
N TYR A 17 19.29 -14.63 -20.90
CA TYR A 17 17.89 -14.65 -20.51
C TYR A 17 17.42 -13.23 -20.23
N GLY A 18 16.12 -13.10 -19.99
CA GLY A 18 15.48 -11.81 -19.75
C GLY A 18 14.96 -11.73 -18.32
N VAL A 19 15.09 -10.53 -17.75
CA VAL A 19 14.61 -10.24 -16.39
C VAL A 19 13.46 -9.25 -16.53
N GLY A 20 12.27 -9.68 -16.12
CA GLY A 20 11.14 -8.79 -16.11
C GLY A 20 11.36 -7.61 -15.18
N ALA A 21 10.99 -6.43 -15.65
CA ALA A 21 11.01 -5.21 -14.85
C ALA A 21 9.56 -4.82 -14.63
N PHE A 22 9.09 -4.98 -13.40
CA PHE A 22 7.67 -4.89 -13.08
C PHE A 22 7.41 -3.60 -12.32
N ASN A 23 6.48 -2.79 -12.83
CA ASN A 23 6.09 -1.54 -12.19
C ASN A 23 5.16 -1.80 -11.01
N PHE A 24 5.21 -0.89 -10.02
CA PHE A 24 4.30 -0.94 -8.89
C PHE A 24 3.91 0.49 -8.51
N VAL A 25 2.78 0.62 -7.82
CA VAL A 25 2.32 1.93 -7.36
C VAL A 25 1.86 1.88 -5.91
N ASN A 26 1.77 0.69 -5.33
CA ASN A 26 1.36 0.58 -3.92
C ASN A 26 1.82 -0.77 -3.37
N PHE A 27 1.45 -1.04 -2.12
CA PHE A 27 1.93 -2.23 -1.43
C PHE A 27 1.42 -3.52 -2.10
N GLU A 28 0.16 -3.51 -2.53
CA GLU A 28 -0.41 -4.73 -3.09
C GLU A 28 0.37 -5.20 -4.33
N MET A 29 0.70 -4.26 -5.22
CA MET A 29 1.47 -4.63 -6.40
C MET A 29 2.85 -5.14 -6.00
N LEU A 30 3.55 -4.41 -5.13
CA LEU A 30 4.89 -4.81 -4.72
C LEU A 30 4.88 -6.20 -4.09
N ASN A 31 3.93 -6.45 -3.19
CA ASN A 31 3.86 -7.73 -2.49
C ASN A 31 3.71 -8.88 -3.49
N ALA A 32 2.76 -8.75 -4.41
CA ALA A 32 2.54 -9.80 -5.39
C ALA A 32 3.73 -10.01 -6.32
N ILE A 33 4.45 -8.93 -6.65
CA ILE A 33 5.64 -9.08 -7.47
C ILE A 33 6.71 -9.85 -6.70
N PHE A 34 6.89 -9.51 -5.41
CA PHE A 34 7.91 -10.16 -4.61
C PHE A 34 7.57 -11.63 -4.37
N GLU A 35 6.31 -11.93 -4.03
CA GLU A 35 5.92 -13.33 -3.86
C GLU A 35 6.15 -14.12 -5.15
N ALA A 36 5.94 -13.49 -6.30
CA ALA A 36 6.21 -14.15 -7.57
C ALA A 36 7.69 -14.54 -7.69
N GLY A 37 8.59 -13.60 -7.37
CA GLY A 37 10.00 -13.90 -7.47
C GLY A 37 10.45 -14.94 -6.47
N ASN A 38 9.88 -14.92 -5.27
CA ASN A 38 10.25 -15.91 -4.27
C ASN A 38 9.85 -17.31 -4.72
N GLU A 39 8.69 -17.44 -5.38
CA GLU A 39 8.16 -18.75 -5.75
C GLU A 39 8.79 -19.30 -7.02
N GLU A 40 9.36 -18.43 -7.86
CA GLU A 40 10.07 -18.86 -9.06
C GLU A 40 11.58 -18.82 -8.89
N ASN A 41 12.07 -18.38 -7.74
CA ASN A 41 13.51 -18.25 -7.52
C ASN A 41 14.13 -17.38 -8.62
N SER A 42 13.53 -16.20 -8.82
CA SER A 42 13.88 -15.29 -9.88
C SER A 42 14.39 -13.97 -9.33
N PRO A 43 15.45 -13.39 -9.91
CA PRO A 43 15.80 -12.00 -9.55
C PRO A 43 14.69 -11.05 -9.96
N LEU A 44 14.66 -9.91 -9.29
CA LEU A 44 13.57 -8.94 -9.44
C LEU A 44 14.15 -7.61 -9.88
N PHE A 45 13.55 -7.03 -10.91
CA PHE A 45 13.71 -5.62 -11.24
C PHE A 45 12.39 -4.94 -10.90
N ILE A 46 12.38 -4.12 -9.85
CA ILE A 46 11.20 -3.39 -9.41
C ILE A 46 11.29 -1.99 -9.97
N GLN A 47 10.24 -1.56 -10.69
CA GLN A 47 10.21 -0.27 -11.37
C GLN A 47 9.19 0.65 -10.72
N ALA A 48 9.54 1.92 -10.62
CA ALA A 48 8.61 2.97 -10.24
C ALA A 48 8.74 4.11 -11.23
N SER A 49 7.62 4.47 -11.85
CA SER A 49 7.59 5.64 -12.72
C SER A 49 7.54 6.92 -11.89
N GLU A 50 7.79 8.06 -12.56
CA GLU A 50 7.69 9.35 -11.89
C GLU A 50 6.28 9.56 -11.34
N GLY A 51 5.26 9.15 -12.09
CA GLY A 51 3.90 9.25 -11.58
C GLY A 51 3.68 8.40 -10.35
N ALA A 52 4.19 7.15 -10.37
CA ALA A 52 4.10 6.30 -9.20
C ALA A 52 4.80 6.92 -8.00
N ILE A 53 5.97 7.53 -8.23
CA ILE A 53 6.74 8.14 -7.15
C ILE A 53 5.95 9.30 -6.54
N LYS A 54 5.29 10.11 -7.38
CA LYS A 54 4.49 11.21 -6.86
C LYS A 54 3.31 10.69 -6.05
N TYR A 55 2.71 9.58 -6.50
CA TYR A 55 1.58 9.00 -5.79
C TYR A 55 1.98 8.48 -4.43
N MET A 56 3.03 7.65 -4.37
CA MET A 56 3.49 7.06 -3.12
C MET A 56 4.32 8.02 -2.30
N GLY A 57 5.02 8.94 -2.96
CA GLY A 57 6.10 9.65 -2.33
C GLY A 57 7.34 8.80 -2.38
N ILE A 58 8.47 9.39 -2.75
CA ILE A 58 9.67 8.60 -3.01
C ILE A 58 10.17 7.91 -1.74
N ASP A 59 9.93 8.52 -0.57
CA ASP A 59 10.33 7.91 0.70
C ASP A 59 9.58 6.61 0.96
N MET A 60 8.30 6.57 0.60
CA MET A 60 7.52 5.34 0.75
C MET A 60 7.85 4.32 -0.34
N ALA A 61 8.10 4.78 -1.57
CA ALA A 61 8.50 3.86 -2.63
C ALA A 61 9.73 3.08 -2.21
N VAL A 62 10.79 3.78 -1.81
CA VAL A 62 12.02 3.14 -1.37
C VAL A 62 11.77 2.36 -0.07
N GLY A 63 11.08 2.99 0.88
CA GLY A 63 10.90 2.35 2.17
C GLY A 63 10.22 1.00 2.07
N MET A 64 9.17 0.91 1.26
CA MET A 64 8.45 -0.36 1.12
C MET A 64 9.34 -1.42 0.46
N VAL A 65 10.12 -1.03 -0.54
CA VAL A 65 10.98 -2.00 -1.22
C VAL A 65 12.04 -2.55 -0.26
N LYS A 66 12.63 -1.67 0.56
CA LYS A 66 13.64 -2.13 1.50
C LYS A 66 13.05 -3.09 2.52
N ILE A 67 11.83 -2.82 2.99
CA ILE A 67 11.14 -3.76 3.86
C ILE A 67 10.97 -5.11 3.17
N MET A 68 10.54 -5.09 1.90
CA MET A 68 10.32 -6.34 1.19
C MET A 68 11.64 -7.10 0.98
N CYS A 69 12.73 -6.37 0.70
N CYS A 69 12.73 -6.37 0.73
CA CYS A 69 14.01 -7.02 0.50
CA CYS A 69 14.01 -7.02 0.50
C CYS A 69 14.49 -7.71 1.78
C CYS A 69 14.53 -7.69 1.78
N GLU A 70 14.28 -7.07 2.93
CA GLU A 70 14.63 -7.71 4.20
C GLU A 70 13.74 -8.91 4.49
N ARG A 71 12.55 -8.95 3.90
CA ARG A 71 11.65 -10.09 4.04
C ARG A 71 12.10 -11.25 3.17
N TYR A 72 12.69 -10.97 2.01
CA TYR A 72 13.23 -11.98 1.11
C TYR A 72 14.68 -11.62 0.78
N PRO A 73 15.59 -11.73 1.75
CA PRO A 73 16.98 -11.29 1.52
C PRO A 73 17.72 -12.13 0.49
N HIS A 74 17.22 -13.31 0.14
CA HIS A 74 17.89 -14.17 -0.82
C HIS A 74 17.62 -13.78 -2.27
N ILE A 75 16.73 -12.82 -2.52
CA ILE A 75 16.34 -12.45 -3.88
C ILE A 75 17.15 -11.23 -4.30
N PRO A 76 17.90 -11.28 -5.39
CA PRO A 76 18.50 -10.04 -5.93
C PRO A 76 17.41 -9.09 -6.40
N VAL A 77 17.45 -7.86 -5.91
CA VAL A 77 16.45 -6.85 -6.24
C VAL A 77 17.17 -5.58 -6.65
N ALA A 78 16.76 -5.03 -7.79
CA ALA A 78 17.12 -3.67 -8.17
C ALA A 78 15.86 -2.81 -8.14
N LEU A 79 16.00 -1.59 -7.65
CA LEU A 79 14.91 -0.61 -7.60
C LEU A 79 15.20 0.46 -8.63
N HIS A 80 14.31 0.61 -9.60
CA HIS A 80 14.61 1.28 -10.86
C HIS A 80 13.63 2.43 -11.10
N LEU A 81 14.18 3.59 -11.43
CA LEU A 81 13.37 4.74 -11.86
C LEU A 81 13.02 4.56 -13.33
N ASP A 82 11.74 4.34 -13.61
CA ASP A 82 11.25 4.11 -14.96
C ASP A 82 10.89 5.44 -15.61
N HIS A 83 11.42 5.66 -16.82
N HIS A 83 11.42 5.67 -16.81
CA HIS A 83 11.15 6.85 -17.61
CA HIS A 83 11.12 6.86 -17.60
C HIS A 83 11.32 8.14 -16.79
C HIS A 83 11.32 8.14 -16.79
N GLY A 84 12.53 8.31 -16.27
CA GLY A 84 12.92 9.61 -15.75
C GLY A 84 13.00 10.59 -16.91
N THR A 85 12.53 11.81 -16.66
CA THR A 85 12.45 12.81 -17.70
C THR A 85 13.44 13.96 -17.54
N THR A 86 14.09 14.08 -16.39
CA THR A 86 15.02 15.16 -16.12
C THR A 86 16.19 14.64 -15.31
N PHE A 87 17.32 15.34 -15.41
CA PHE A 87 18.47 15.03 -14.57
C PHE A 87 18.10 15.12 -13.10
N GLU A 88 17.41 16.20 -12.72
CA GLU A 88 17.04 16.40 -11.32
C GLU A 88 16.19 15.25 -10.77
N SER A 89 15.29 14.71 -11.59
CA SER A 89 14.50 13.56 -11.19
C SER A 89 15.37 12.33 -10.96
N CYS A 90 16.29 12.06 -11.89
CA CYS A 90 17.23 10.96 -11.70
C CYS A 90 18.07 11.18 -10.45
N GLU A 91 18.47 12.43 -10.20
CA GLU A 91 19.26 12.73 -9.02
C GLU A 91 18.49 12.47 -7.74
N LYS A 92 17.22 12.86 -7.69
CA LYS A 92 16.42 12.60 -6.49
C LYS A 92 16.25 11.11 -6.23
N ALA A 93 16.10 10.32 -7.30
CA ALA A 93 16.02 8.87 -7.14
C ALA A 93 17.31 8.32 -6.56
N VAL A 94 18.45 8.74 -7.12
CA VAL A 94 19.75 8.29 -6.61
C VAL A 94 19.86 8.60 -5.12
N LYS A 95 19.52 9.83 -4.73
CA LYS A 95 19.64 10.21 -3.32
C LYS A 95 18.68 9.41 -2.45
N ALA A 96 17.49 9.11 -2.97
CA ALA A 96 16.49 8.39 -2.18
C ALA A 96 16.84 6.92 -1.96
N GLY A 97 17.68 6.34 -2.82
CA GLY A 97 18.11 4.96 -2.64
C GLY A 97 17.81 4.05 -3.79
N PHE A 98 17.42 4.62 -4.94
CA PHE A 98 17.26 3.81 -6.13
C PHE A 98 18.61 3.27 -6.58
N THR A 99 18.62 2.03 -7.05
CA THR A 99 19.84 1.38 -7.50
C THR A 99 19.94 1.37 -9.02
N SER A 100 18.95 1.91 -9.71
CA SER A 100 18.96 2.01 -11.16
C SER A 100 18.07 3.18 -11.56
N VAL A 101 18.49 3.96 -12.56
CA VAL A 101 17.70 5.09 -13.03
C VAL A 101 17.69 5.10 -14.55
N MET A 102 16.53 5.36 -15.13
CA MET A 102 16.41 5.58 -16.57
C MET A 102 16.21 7.07 -16.85
N ILE A 103 17.00 7.59 -17.79
CA ILE A 103 16.80 8.93 -18.33
C ILE A 103 16.27 8.77 -19.75
N ASP A 104 15.06 9.28 -19.99
CA ASP A 104 14.43 9.16 -21.31
C ASP A 104 14.60 10.50 -22.03
N ALA A 105 15.56 10.54 -22.96
CA ALA A 105 15.80 11.70 -23.81
C ALA A 105 15.78 11.30 -25.27
N SER A 106 15.07 10.21 -25.59
CA SER A 106 15.02 9.69 -26.95
C SER A 106 14.25 10.61 -27.90
N HIS A 107 13.50 11.58 -27.37
CA HIS A 107 12.82 12.54 -28.22
C HIS A 107 13.72 13.68 -28.67
N HIS A 108 14.92 13.80 -28.09
CA HIS A 108 15.91 14.78 -28.53
C HIS A 108 16.80 14.21 -29.63
N ALA A 109 17.45 15.10 -30.37
CA ALA A 109 18.43 14.64 -31.34
C ALA A 109 19.57 13.93 -30.62
N PHE A 110 20.39 13.22 -31.40
CA PHE A 110 21.43 12.36 -30.85
C PHE A 110 22.35 13.11 -29.89
N GLU A 111 22.82 14.29 -30.30
CA GLU A 111 23.79 15.00 -29.47
C GLU A 111 23.20 15.41 -28.13
N GLU A 112 21.95 15.85 -28.13
CA GLU A 112 21.31 16.30 -26.89
C GLU A 112 20.93 15.11 -26.01
N ASN A 113 20.47 14.02 -26.63
CA ASN A 113 20.26 12.77 -25.90
C ASN A 113 21.56 12.31 -25.25
N LEU A 114 22.63 12.27 -26.03
CA LEU A 114 23.92 11.81 -25.52
C LEU A 114 24.40 12.68 -24.37
N GLU A 115 24.23 14.01 -24.51
CA GLU A 115 24.73 14.93 -23.49
C GLU A 115 24.01 14.73 -22.17
N LEU A 116 22.67 14.73 -22.20
CA LEU A 116 21.89 14.55 -20.97
C LEU A 116 22.15 13.18 -20.36
N THR A 117 22.22 12.12 -21.17
CA THR A 117 22.52 10.80 -20.65
C THR A 117 23.89 10.77 -19.97
N SER A 118 24.90 11.31 -20.64
CA SER A 118 26.25 11.32 -20.06
C SER A 118 26.27 12.03 -18.71
N LYS A 119 25.51 13.13 -18.57
CA LYS A 119 25.43 13.82 -17.29
C LYS A 119 24.82 12.93 -16.20
N VAL A 120 23.70 12.28 -16.51
CA VAL A 120 23.07 11.36 -15.56
C VAL A 120 24.03 10.24 -15.20
N VAL A 121 24.70 9.66 -16.20
CA VAL A 121 25.62 8.56 -15.95
C VAL A 121 26.71 8.98 -14.99
N LYS A 122 27.31 10.15 -15.23
CA LYS A 122 28.39 10.61 -14.37
C LYS A 122 27.93 10.74 -12.93
N MET A 123 26.72 11.28 -12.73
CA MET A 123 26.18 11.43 -11.39
C MET A 123 25.84 10.07 -10.78
N ALA A 124 25.11 9.24 -11.53
CA ALA A 124 24.68 7.94 -11.01
C ALA A 124 25.87 7.03 -10.72
N HIS A 125 26.81 6.92 -11.68
CA HIS A 125 27.97 6.07 -11.43
C HIS A 125 28.78 6.53 -10.22
N ASN A 126 28.84 7.84 -9.99
CA ASN A 126 29.56 8.33 -8.81
C ASN A 126 28.90 7.86 -7.52
N ALA A 127 27.59 7.59 -7.56
CA ALA A 127 26.87 7.10 -6.39
C ALA A 127 26.59 5.60 -6.47
N GLY A 128 27.29 4.88 -7.34
CA GLY A 128 27.11 3.43 -7.43
C GLY A 128 25.75 2.99 -7.93
N VAL A 129 25.17 3.73 -8.87
CA VAL A 129 23.85 3.43 -9.42
C VAL A 129 23.99 3.19 -10.92
N SER A 130 23.26 2.21 -11.43
CA SER A 130 23.26 1.89 -12.86
C SER A 130 22.25 2.75 -13.59
N VAL A 131 22.48 2.92 -14.90
CA VAL A 131 21.72 3.86 -15.71
C VAL A 131 21.24 3.19 -16.98
N GLU A 132 19.98 3.47 -17.32
CA GLU A 132 19.37 3.09 -18.60
C GLU A 132 19.11 4.34 -19.41
N ALA A 133 19.24 4.21 -20.74
CA ALA A 133 18.89 5.27 -21.67
C ALA A 133 18.12 4.68 -22.83
N GLU A 134 17.65 5.54 -23.73
CA GLU A 134 16.78 5.11 -24.82
C GLU A 134 17.19 5.77 -26.13
N LEU A 135 17.11 4.99 -27.21
CA LEU A 135 17.41 5.49 -28.56
C LEU A 135 16.36 5.03 -29.55
N GLY A 136 15.87 5.96 -30.34
CA GLY A 136 14.81 5.68 -31.30
C GLY A 136 13.44 6.08 -30.78
N ARG A 137 12.51 6.23 -31.70
CA ARG A 137 11.18 6.72 -31.38
C ARG A 137 10.10 5.82 -31.99
N VAL A 153 11.39 7.27 -35.91
CA VAL A 153 12.27 6.31 -36.56
C VAL A 153 12.86 5.33 -35.55
N LEU A 154 13.04 4.09 -35.97
CA LEU A 154 13.62 3.07 -35.11
C LEU A 154 15.11 3.34 -34.89
N VAL A 155 15.70 2.53 -34.00
CA VAL A 155 17.08 2.77 -33.57
C VAL A 155 18.04 2.65 -34.76
N ASN A 156 19.03 3.54 -34.78
CA ASN A 156 20.15 3.42 -35.72
C ASN A 156 21.26 2.63 -35.03
N PRO A 157 21.56 1.39 -35.47
CA PRO A 157 22.55 0.58 -34.73
C PRO A 157 23.91 1.22 -34.62
N LYS A 158 24.43 1.83 -35.69
CA LYS A 158 25.72 2.50 -35.59
C LYS A 158 25.65 3.68 -34.63
N GLU A 159 24.48 4.32 -34.54
CA GLU A 159 24.28 5.37 -33.55
C GLU A 159 24.25 4.80 -32.14
N ALA A 160 23.59 3.67 -31.95
CA ALA A 160 23.59 3.03 -30.63
C ALA A 160 25.01 2.66 -30.21
N GLU A 161 25.84 2.23 -31.16
CA GLU A 161 27.22 1.86 -30.85
C GLU A 161 27.97 3.04 -30.25
N GLN A 162 27.98 4.18 -30.95
N GLN A 162 27.96 4.19 -30.93
CA GLN A 162 28.65 5.36 -30.43
CA GLN A 162 28.68 5.35 -30.40
C GLN A 162 27.99 5.86 -29.14
C GLN A 162 27.99 5.91 -29.17
N PHE A 163 26.66 5.87 -29.11
CA PHE A 163 25.95 6.30 -27.91
C PHE A 163 26.46 5.57 -26.67
N VAL A 164 26.51 4.23 -26.75
CA VAL A 164 26.94 3.45 -25.59
C VAL A 164 28.41 3.72 -25.27
N LYS A 165 29.26 3.77 -26.30
CA LYS A 165 30.69 3.99 -26.08
C LYS A 165 30.96 5.34 -25.42
N GLU A 166 30.26 6.39 -25.85
CA GLU A 166 30.52 7.75 -25.36
C GLU A 166 29.89 7.99 -23.98
N SER A 167 28.66 7.51 -23.77
CA SER A 167 27.94 7.81 -22.55
C SER A 167 28.35 6.91 -21.38
N GLN A 168 28.78 5.69 -21.66
CA GLN A 168 29.08 4.69 -20.64
C GLN A 168 27.84 4.21 -19.91
N VAL A 169 26.69 4.29 -20.60
CA VAL A 169 25.43 3.84 -20.03
C VAL A 169 25.46 2.32 -19.88
N ASP A 170 24.79 1.83 -18.83
CA ASP A 170 24.89 0.41 -18.48
C ASP A 170 23.98 -0.46 -19.34
N TYR A 171 22.79 0.03 -19.69
CA TYR A 171 21.91 -0.70 -20.57
C TYR A 171 21.15 0.30 -21.44
N LEU A 172 20.69 -0.19 -22.59
CA LEU A 172 20.08 0.66 -23.61
C LEU A 172 18.73 0.07 -23.99
N ALA A 173 17.73 0.95 -24.16
CA ALA A 173 16.43 0.58 -24.70
C ALA A 173 16.36 1.01 -26.16
N PRO A 174 16.61 0.11 -27.13
CA PRO A 174 16.50 0.50 -28.54
C PRO A 174 15.09 0.36 -29.08
N ALA A 175 14.61 1.36 -29.81
CA ALA A 175 13.28 1.28 -30.40
C ALA A 175 13.30 0.30 -31.56
N ILE A 176 12.53 -0.79 -31.43
CA ILE A 176 12.48 -1.82 -32.47
C ILE A 176 11.04 -2.16 -32.81
N GLY A 177 10.08 -1.38 -32.31
CA GLY A 177 8.69 -1.55 -32.71
C GLY A 177 7.64 -1.45 -31.61
N THR A 178 8.04 -1.55 -30.34
CA THR A 178 7.07 -1.58 -29.26
C THR A 178 6.68 -0.16 -28.83
N SER A 179 5.61 -0.09 -28.03
CA SER A 179 5.14 1.16 -27.47
C SER A 179 4.38 0.87 -26.18
N GLN A 180 4.40 1.84 -25.27
CA GLN A 180 3.73 1.68 -23.98
C GLN A 180 2.22 1.55 -24.17
N GLY A 181 1.58 0.90 -23.20
CA GLY A 181 0.14 0.84 -23.16
C GLY A 181 -0.43 -0.40 -23.81
N ALA A 182 -1.76 -0.44 -23.83
CA ALA A 182 -2.52 -1.56 -24.37
C ALA A 182 -2.89 -1.36 -25.84
N PHE A 183 -2.40 -0.30 -26.48
CA PHE A 183 -2.68 -0.03 -27.88
C PHE A 183 -1.40 -0.12 -28.70
N LYS A 184 -0.65 -1.20 -28.52
CA LYS A 184 0.66 -1.31 -29.16
C LYS A 184 0.54 -1.37 -30.67
N PHE A 185 -0.25 -2.31 -31.18
CA PHE A 185 -0.32 -2.61 -32.61
C PHE A 185 -1.72 -2.32 -33.13
N LYS A 186 -1.87 -1.20 -33.83
CA LYS A 186 -3.11 -0.91 -34.53
C LYS A 186 -3.42 -1.97 -35.58
N GLY A 187 -2.42 -2.70 -36.04
CA GLY A 187 -2.60 -3.76 -37.01
C GLY A 187 -2.05 -5.10 -36.53
N GLU A 188 -0.84 -5.44 -36.99
CA GLU A 188 -0.25 -6.73 -36.71
C GLU A 188 1.01 -6.57 -35.87
N PRO A 189 1.20 -7.35 -34.81
CA PRO A 189 2.47 -7.29 -34.06
C PRO A 189 3.66 -7.60 -34.94
N LYS A 190 4.69 -6.76 -34.85
CA LYS A 190 5.90 -6.95 -35.65
C LYS A 190 7.04 -6.19 -34.99
N LEU A 191 8.13 -6.89 -34.69
CA LEU A 191 9.33 -6.31 -34.10
C LEU A 191 10.52 -6.55 -35.03
N ASP A 192 11.36 -5.53 -35.17
CA ASP A 192 12.50 -5.59 -36.10
C ASP A 192 13.64 -6.33 -35.42
N PHE A 193 13.61 -7.67 -35.50
CA PHE A 193 14.62 -8.47 -34.82
C PHE A 193 16.00 -8.33 -35.45
N GLU A 194 16.08 -8.12 -36.77
CA GLU A 194 17.39 -7.90 -37.39
C GLU A 194 18.06 -6.66 -36.83
N ARG A 195 17.30 -5.58 -36.66
CA ARG A 195 17.84 -4.37 -36.05
C ARG A 195 18.27 -4.63 -34.61
N LEU A 196 17.47 -5.39 -33.86
CA LEU A 196 17.84 -5.75 -32.49
C LEU A 196 19.19 -6.45 -32.46
N GLN A 197 19.37 -7.48 -33.30
CA GLN A 197 20.61 -8.25 -33.28
C GLN A 197 21.82 -7.38 -33.60
N GLU A 198 21.65 -6.40 -34.50
CA GLU A 198 22.77 -5.54 -34.86
C GLU A 198 23.16 -4.63 -33.70
N VAL A 199 22.16 -4.02 -33.05
CA VAL A 199 22.44 -3.23 -31.84
C VAL A 199 23.21 -4.07 -30.83
N LYS A 200 22.72 -5.30 -30.58
CA LYS A 200 23.36 -6.14 -29.58
C LYS A 200 24.79 -6.47 -29.98
N ARG A 201 25.01 -6.77 -31.26
CA ARG A 201 26.35 -7.08 -31.74
C ARG A 201 27.29 -5.90 -31.53
N LEU A 202 26.82 -4.68 -31.80
CA LEU A 202 27.70 -3.51 -31.75
C LEU A 202 27.88 -2.95 -30.34
N THR A 203 26.88 -3.07 -29.48
CA THR A 203 26.98 -2.48 -28.14
C THR A 203 27.53 -3.46 -27.11
N ASN A 204 27.18 -4.74 -27.23
CA ASN A 204 27.59 -5.78 -26.29
C ASN A 204 27.30 -5.38 -24.84
N ILE A 205 26.11 -4.86 -24.61
CA ILE A 205 25.65 -4.56 -23.26
C ILE A 205 24.24 -5.11 -23.08
N PRO A 206 23.72 -5.15 -21.85
CA PRO A 206 22.31 -5.52 -21.67
C PRO A 206 21.40 -4.54 -22.39
N LEU A 207 20.36 -5.07 -23.02
CA LEU A 207 19.36 -4.26 -23.72
C LEU A 207 18.01 -4.35 -23.03
N VAL A 208 17.20 -3.33 -23.25
CA VAL A 208 15.92 -3.16 -22.57
C VAL A 208 14.81 -3.12 -23.61
N LEU A 209 13.70 -3.81 -23.33
CA LEU A 209 12.51 -3.77 -24.17
C LEU A 209 11.40 -3.02 -23.45
N HIS A 210 10.99 -1.88 -24.02
N HIS A 210 10.98 -1.89 -24.02
CA HIS A 210 9.88 -1.11 -23.49
CA HIS A 210 9.88 -1.12 -23.48
C HIS A 210 8.56 -1.56 -24.12
C HIS A 210 8.56 -1.54 -24.12
N GLY A 211 7.47 -1.31 -23.40
CA GLY A 211 6.15 -1.67 -23.87
C GLY A 211 6.04 -3.14 -24.22
N ALA A 212 6.42 -4.00 -23.26
CA ALA A 212 6.55 -5.43 -23.53
C ALA A 212 5.43 -6.26 -22.90
N SER A 213 4.34 -5.63 -22.47
CA SER A 213 3.20 -6.40 -21.99
C SER A 213 2.60 -7.21 -23.13
N ALA A 214 2.16 -8.42 -22.82
CA ALA A 214 1.60 -9.32 -23.81
C ALA A 214 0.08 -9.32 -23.86
N ILE A 215 -0.58 -8.90 -22.78
CA ILE A 215 -2.03 -8.98 -22.63
C ILE A 215 -2.45 -10.41 -23.00
N PRO A 216 -2.12 -11.41 -22.17
CA PRO A 216 -2.43 -12.79 -22.53
C PRO A 216 -3.94 -13.05 -22.53
N ASP A 217 -4.30 -14.16 -23.18
CA ASP A 217 -5.71 -14.50 -23.38
C ASP A 217 -6.46 -14.58 -22.05
N ASN A 218 -5.87 -15.26 -21.06
CA ASN A 218 -6.56 -15.46 -19.79
C ASN A 218 -6.79 -14.13 -19.07
N VAL A 219 -5.87 -13.19 -19.20
CA VAL A 219 -6.03 -11.90 -18.54
C VAL A 219 -7.08 -11.06 -19.25
N ARG A 220 -7.05 -11.04 -20.58
CA ARG A 220 -8.10 -10.37 -21.32
C ARG A 220 -9.46 -10.99 -21.01
N LYS A 221 -9.51 -12.32 -20.90
CA LYS A 221 -10.77 -13.01 -20.58
C LYS A 221 -11.28 -12.58 -19.21
N SER A 222 -10.40 -12.52 -18.22
CA SER A 222 -10.81 -12.12 -16.87
C SER A 222 -11.30 -10.69 -16.84
N TYR A 223 -10.59 -9.78 -17.50
CA TYR A 223 -11.00 -8.38 -17.51
C TYR A 223 -12.35 -8.21 -18.19
N LEU A 224 -12.53 -8.81 -19.36
CA LEU A 224 -13.80 -8.68 -20.07
C LEU A 224 -14.94 -9.30 -19.28
N ASP A 225 -14.70 -10.46 -18.66
CA ASP A 225 -15.73 -11.11 -17.87
C ASP A 225 -16.17 -10.25 -16.69
N ALA A 226 -15.28 -9.40 -16.18
CA ALA A 226 -15.59 -8.50 -15.09
C ALA A 226 -16.26 -7.21 -15.55
N GLY A 227 -16.76 -7.19 -16.79
CA GLY A 227 -17.40 -6.01 -17.32
C GLY A 227 -16.46 -4.97 -17.88
N GLY A 228 -15.17 -5.27 -17.98
CA GLY A 228 -14.22 -4.30 -18.46
C GLY A 228 -14.15 -4.26 -19.98
N ASP A 229 -13.61 -3.15 -20.48
CA ASP A 229 -13.47 -2.93 -21.91
C ASP A 229 -12.02 -2.60 -22.23
N LEU A 230 -11.38 -3.42 -23.07
CA LEU A 230 -9.99 -3.22 -23.44
C LEU A 230 -9.82 -2.50 -24.77
N LYS A 231 -10.90 -2.26 -25.52
CA LYS A 231 -10.87 -1.39 -26.68
C LYS A 231 -10.02 -1.99 -27.81
N GLY A 232 -10.11 -3.30 -28.00
CA GLY A 232 -9.32 -3.95 -29.03
C GLY A 232 -7.84 -3.87 -28.79
N SER A 233 -7.42 -3.94 -27.52
CA SER A 233 -6.01 -3.87 -27.18
C SER A 233 -5.26 -5.06 -27.75
N LYS A 234 -3.97 -4.86 -28.01
CA LYS A 234 -3.12 -5.92 -28.52
C LYS A 234 -1.71 -5.74 -27.96
N GLY A 235 -1.19 -6.78 -27.31
CA GLY A 235 0.15 -6.75 -26.76
C GLY A 235 1.14 -7.53 -27.61
N VAL A 236 2.34 -7.69 -27.07
CA VAL A 236 3.41 -8.42 -27.75
C VAL A 236 3.19 -9.91 -27.52
N PRO A 237 3.08 -10.73 -28.57
CA PRO A 237 2.88 -12.17 -28.34
C PRO A 237 4.04 -12.79 -27.58
N PHE A 238 3.74 -13.85 -26.83
CA PHE A 238 4.77 -14.56 -26.09
C PHE A 238 5.94 -14.95 -26.99
N GLU A 239 5.65 -15.37 -28.23
CA GLU A 239 6.71 -15.79 -29.14
C GLU A 239 7.65 -14.63 -29.45
N PHE A 240 7.11 -13.43 -29.58
CA PHE A 240 7.93 -12.26 -29.85
C PHE A 240 8.80 -11.91 -28.65
N LEU A 241 8.25 -12.04 -27.44
CA LEU A 241 9.06 -11.80 -26.25
C LEU A 241 10.22 -12.77 -26.15
N GLN A 242 9.97 -14.06 -26.40
CA GLN A 242 11.06 -15.03 -26.37
C GLN A 242 12.08 -14.76 -27.47
N GLU A 243 11.61 -14.37 -28.66
CA GLU A 243 12.53 -14.02 -29.74
C GLU A 243 13.33 -12.77 -29.40
N SER A 244 12.73 -11.81 -28.68
N SER A 244 12.73 -11.82 -28.67
CA SER A 244 13.46 -10.64 -28.24
CA SER A 244 13.49 -10.64 -28.27
C SER A 244 14.61 -11.04 -27.33
C SER A 244 14.62 -11.02 -27.31
N VAL A 245 14.34 -11.92 -26.37
CA VAL A 245 15.38 -12.39 -25.45
C VAL A 245 16.49 -13.09 -26.23
N LYS A 246 16.10 -13.97 -27.16
CA LYS A 246 17.09 -14.61 -28.02
C LYS A 246 17.92 -13.58 -28.77
N GLY A 247 17.30 -12.46 -29.15
CA GLY A 247 18.01 -11.41 -29.87
C GLY A 247 18.91 -10.55 -29.01
N GLY A 248 18.75 -10.59 -27.69
CA GLY A 248 19.63 -9.86 -26.80
C GLY A 248 18.95 -8.98 -25.78
N ILE A 249 17.62 -9.01 -25.70
CA ILE A 249 16.90 -8.28 -24.66
C ILE A 249 17.12 -8.96 -23.31
N ASN A 250 17.47 -8.18 -22.29
CA ASN A 250 17.69 -8.70 -20.96
C ASN A 250 16.79 -8.08 -19.90
N LYS A 251 16.17 -6.94 -20.17
CA LYS A 251 15.24 -6.29 -19.25
C LYS A 251 13.94 -6.03 -20.01
N VAL A 252 12.83 -6.53 -19.48
CA VAL A 252 11.55 -6.54 -20.19
C VAL A 252 10.54 -5.78 -19.35
N ASN A 253 10.29 -4.53 -19.74
CA ASN A 253 9.43 -3.64 -18.96
C ASN A 253 7.98 -4.09 -19.06
N THR A 254 7.35 -4.34 -17.91
CA THR A 254 6.04 -4.97 -17.85
C THR A 254 5.21 -4.24 -16.80
N ASP A 255 4.10 -3.65 -17.24
CA ASP A 255 3.27 -2.83 -16.36
C ASP A 255 1.80 -3.10 -16.66
N THR A 256 1.41 -2.93 -17.91
CA THR A 256 0.01 -3.01 -18.29
C THR A 256 -0.60 -4.35 -17.91
N ASP A 257 0.11 -5.45 -18.20
CA ASP A 257 -0.41 -6.77 -17.88
C ASP A 257 -0.76 -6.89 -16.40
N LEU A 258 0.10 -6.34 -15.53
CA LEU A 258 -0.13 -6.43 -14.09
C LEU A 258 -1.38 -5.67 -13.69
N ARG A 259 -1.59 -4.50 -14.27
CA ARG A 259 -2.71 -3.66 -13.86
C ARG A 259 -4.03 -4.23 -14.35
N ILE A 260 -4.08 -4.74 -15.58
CA ILE A 260 -5.30 -5.35 -16.11
C ILE A 260 -5.70 -6.54 -15.24
N ALA A 261 -4.75 -7.45 -14.97
CA ALA A 261 -5.07 -8.62 -14.16
C ALA A 261 -5.54 -8.22 -12.76
N PHE A 262 -4.89 -7.21 -12.17
CA PHE A 262 -5.25 -6.73 -10.84
C PHE A 262 -6.66 -6.15 -10.83
N ILE A 263 -6.91 -5.17 -11.70
CA ILE A 263 -8.19 -4.48 -11.71
C ILE A 263 -9.30 -5.40 -12.18
N ALA A 264 -8.98 -6.40 -13.01
CA ALA A 264 -9.99 -7.38 -13.38
C ALA A 264 -10.64 -8.00 -12.14
N GLU A 265 -9.83 -8.39 -11.16
CA GLU A 265 -10.36 -9.00 -9.95
C GLU A 265 -11.14 -7.99 -9.13
N VAL A 266 -10.64 -6.76 -9.03
CA VAL A 266 -11.36 -5.72 -8.29
C VAL A 266 -12.74 -5.53 -8.87
N ARG A 267 -12.84 -5.37 -10.20
CA ARG A 267 -14.14 -5.24 -10.84
C ARG A 267 -15.02 -6.44 -10.54
N LYS A 268 -14.43 -7.64 -10.50
CA LYS A 268 -15.20 -8.86 -10.26
C LYS A 268 -15.82 -8.85 -8.88
N VAL A 269 -15.04 -8.51 -7.85
CA VAL A 269 -15.57 -8.49 -6.49
C VAL A 269 -16.69 -7.48 -6.37
N ALA A 270 -16.54 -6.31 -7.02
CA ALA A 270 -17.58 -5.28 -6.94
C ALA A 270 -18.86 -5.75 -7.60
N ASN A 271 -18.76 -6.37 -8.78
CA ASN A 271 -19.95 -6.82 -9.50
C ASN A 271 -20.72 -7.86 -8.70
N GLU A 272 -20.00 -8.76 -8.02
CA GLU A 272 -20.61 -9.97 -7.48
C GLU A 272 -21.10 -9.84 -6.03
N ASP A 273 -20.72 -8.77 -5.33
CA ASP A 273 -21.19 -8.56 -3.96
C ASP A 273 -21.25 -7.05 -3.71
N LYS A 274 -22.47 -6.50 -3.77
CA LYS A 274 -22.65 -5.05 -3.61
C LYS A 274 -22.48 -4.60 -2.17
N SER A 275 -22.53 -5.53 -1.20
CA SER A 275 -22.34 -5.17 0.21
C SER A 275 -20.91 -5.39 0.68
N GLN A 276 -19.99 -5.67 -0.23
CA GLN A 276 -18.60 -5.95 0.13
C GLN A 276 -17.81 -4.65 0.12
N PHE A 277 -17.28 -4.24 1.28
CA PHE A 277 -16.41 -3.08 1.36
C PHE A 277 -15.17 -3.35 2.21
N ASP A 278 -14.84 -4.63 2.43
CA ASP A 278 -13.57 -5.00 3.04
C ASP A 278 -12.48 -4.97 1.97
N LEU A 279 -11.49 -4.09 2.15
CA LEU A 279 -10.50 -3.88 1.09
C LEU A 279 -9.73 -5.16 0.76
N ARG A 280 -9.48 -6.01 1.76
CA ARG A 280 -8.75 -7.24 1.50
C ARG A 280 -9.52 -8.19 0.60
N LYS A 281 -10.85 -8.21 0.71
CA LYS A 281 -11.65 -9.05 -0.17
C LYS A 281 -11.54 -8.59 -1.61
N PHE A 282 -11.24 -7.31 -1.84
CA PHE A 282 -11.01 -6.82 -3.20
C PHE A 282 -9.59 -7.12 -3.68
N PHE A 283 -8.59 -6.94 -2.82
CA PHE A 283 -7.21 -6.90 -3.28
C PHE A 283 -6.43 -8.19 -3.06
N SER A 284 -6.91 -9.09 -2.20
CA SER A 284 -6.28 -10.41 -2.09
C SER A 284 -6.41 -11.21 -3.38
N PRO A 285 -7.59 -11.31 -4.02
CA PRO A 285 -7.62 -11.94 -5.35
C PRO A 285 -6.89 -11.13 -6.40
N ALA A 286 -6.91 -9.80 -6.30
CA ALA A 286 -6.17 -8.98 -7.25
C ALA A 286 -4.68 -9.26 -7.17
N GLN A 287 -4.14 -9.36 -5.96
CA GLN A 287 -2.73 -9.73 -5.80
C GLN A 287 -2.45 -11.09 -6.40
N LEU A 288 -3.33 -12.06 -6.18
CA LEU A 288 -3.10 -13.40 -6.71
C LEU A 288 -3.00 -13.38 -8.23
N ALA A 289 -3.90 -12.65 -8.88
CA ALA A 289 -3.89 -12.58 -10.34
C ALA A 289 -2.62 -11.92 -10.85
N LEU A 290 -2.24 -10.79 -10.24
CA LEU A 290 -1.00 -10.13 -10.63
C LEU A 290 0.19 -11.06 -10.42
N LYS A 291 0.25 -11.72 -9.25
CA LYS A 291 1.35 -12.64 -8.98
C LYS A 291 1.48 -13.70 -10.07
N ASN A 292 0.35 -14.24 -10.54
CA ASN A 292 0.42 -15.33 -11.51
C ASN A 292 0.92 -14.84 -12.85
N VAL A 293 0.55 -13.63 -13.27
CA VAL A 293 1.11 -13.06 -14.49
C VAL A 293 2.62 -12.98 -14.38
N VAL A 294 3.11 -12.44 -13.26
CA VAL A 294 4.55 -12.28 -13.05
C VAL A 294 5.25 -13.63 -13.11
N LYS A 295 4.77 -14.61 -12.33
CA LYS A 295 5.37 -15.93 -12.32
C LYS A 295 5.49 -16.51 -13.72
N GLU A 296 4.43 -16.42 -14.51
CA GLU A 296 4.48 -16.95 -15.87
C GLU A 296 5.50 -16.20 -16.71
N ARG A 297 5.54 -14.87 -16.58
CA ARG A 297 6.50 -14.07 -17.32
C ARG A 297 7.94 -14.41 -16.94
N MET A 298 8.19 -14.66 -15.66
CA MET A 298 9.54 -15.02 -15.23
C MET A 298 9.98 -16.32 -15.88
N LYS A 299 9.07 -17.29 -15.97
CA LYS A 299 9.39 -18.55 -16.64
C LYS A 299 9.56 -18.33 -18.15
N LEU A 300 8.68 -17.53 -18.76
CA LEU A 300 8.80 -17.30 -20.20
C LEU A 300 10.13 -16.66 -20.56
N LEU A 301 10.57 -15.68 -19.78
CA LEU A 301 11.73 -14.87 -20.12
C LEU A 301 13.05 -15.55 -19.76
N GLY A 302 13.01 -16.55 -18.88
CA GLY A 302 14.19 -17.31 -18.51
C GLY A 302 14.85 -16.91 -17.21
N SER A 303 14.18 -16.12 -16.37
CA SER A 303 14.76 -15.73 -15.09
C SER A 303 14.42 -16.69 -13.97
N ALA A 304 13.44 -17.57 -14.17
CA ALA A 304 13.09 -18.56 -13.16
C ALA A 304 14.27 -19.48 -12.85
N ASN A 305 14.47 -19.74 -11.56
CA ASN A 305 15.49 -20.65 -11.05
C ASN A 305 16.91 -20.13 -11.30
N LYS A 306 17.08 -18.81 -11.36
CA LYS A 306 18.38 -18.20 -11.61
C LYS A 306 19.01 -17.60 -10.35
N ILE A 307 18.37 -17.71 -9.19
CA ILE A 307 18.98 -17.25 -7.96
C ILE A 307 20.04 -18.26 -7.51
N MET B 1 6.67 11.89 15.28
CA MET B 1 6.87 11.36 16.67
C MET B 1 5.91 10.21 17.00
N LEU B 2 6.38 8.98 16.80
CA LEU B 2 5.66 7.80 17.29
C LEU B 2 5.80 7.72 18.80
N VAL B 3 4.67 7.75 19.51
CA VAL B 3 4.67 7.87 20.96
C VAL B 3 3.77 6.80 21.56
N LYS B 4 3.98 6.53 22.84
CA LYS B 4 3.12 5.59 23.54
C LYS B 4 1.70 6.13 23.59
N GLY B 5 0.73 5.22 23.43
CA GLY B 5 -0.65 5.62 23.32
C GLY B 5 -1.11 6.47 24.49
N ASN B 6 -0.61 6.17 25.69
CA ASN B 6 -1.04 6.88 26.88
C ASN B 6 -0.64 8.35 26.85
N GLU B 7 0.44 8.68 26.16
CA GLU B 7 0.85 10.07 26.04
C GLU B 7 -0.23 10.88 25.34
N ILE B 8 -0.85 10.30 24.31
CA ILE B 8 -1.92 10.96 23.59
C ILE B 8 -3.21 10.97 24.41
N LEU B 9 -3.57 9.81 24.99
CA LEU B 9 -4.89 9.69 25.60
C LEU B 9 -4.96 10.32 26.99
N LEU B 10 -3.84 10.42 27.72
CA LEU B 10 -3.87 11.17 28.97
C LEU B 10 -4.21 12.63 28.72
N LYS B 11 -3.71 13.20 27.62
CA LYS B 11 -4.05 14.58 27.28
C LYS B 11 -5.52 14.70 26.95
N ALA B 12 -6.03 13.81 26.10
CA ALA B 12 -7.46 13.81 25.77
C ALA B 12 -8.31 13.61 27.02
N HIS B 13 -7.84 12.73 27.91
CA HIS B 13 -8.55 12.47 29.16
C HIS B 13 -8.59 13.72 30.04
N LYS B 14 -7.45 14.40 30.19
CA LYS B 14 -7.42 15.59 31.03
C LYS B 14 -8.28 16.70 30.45
N GLU B 15 -8.25 16.88 29.13
CA GLU B 15 -8.90 18.00 28.47
C GLU B 15 -10.29 17.67 27.94
N GLY B 16 -10.75 16.42 28.09
CA GLY B 16 -12.11 16.06 27.75
C GLY B 16 -12.45 16.11 26.28
N TYR B 17 -11.59 15.57 25.42
CA TYR B 17 -11.91 15.38 24.00
C TYR B 17 -11.61 13.95 23.62
N GLY B 18 -12.02 13.59 22.40
CA GLY B 18 -11.88 12.24 21.87
C GLY B 18 -10.88 12.22 20.72
N VAL B 19 -10.08 11.16 20.68
CA VAL B 19 -9.10 10.94 19.62
C VAL B 19 -9.55 9.74 18.80
N GLY B 20 -9.91 9.99 17.54
CA GLY B 20 -10.25 8.89 16.66
C GLY B 20 -9.11 7.90 16.55
N ALA B 21 -9.47 6.62 16.52
CA ALA B 21 -8.53 5.53 16.32
C ALA B 21 -8.92 4.86 15.01
N PHE B 22 -8.11 5.04 13.98
CA PHE B 22 -8.48 4.73 12.60
C PHE B 22 -7.70 3.51 12.12
N ASN B 23 -8.43 2.46 11.74
CA ASN B 23 -7.81 1.24 11.25
C ASN B 23 -7.29 1.44 9.82
N PHE B 24 -6.25 0.70 9.48
CA PHE B 24 -5.72 0.66 8.12
C PHE B 24 -5.30 -0.75 7.76
N VAL B 25 -5.25 -1.02 6.46
CA VAL B 25 -4.83 -2.33 5.96
C VAL B 25 -3.82 -2.18 4.81
N ASN B 26 -3.58 -0.97 4.34
CA ASN B 26 -2.61 -0.79 3.26
C ASN B 26 -2.18 0.67 3.21
N PHE B 27 -1.41 1.02 2.16
CA PHE B 27 -0.81 2.35 2.08
C PHE B 27 -1.87 3.43 1.86
N GLU B 28 -2.83 3.19 0.97
CA GLU B 28 -3.82 4.21 0.65
C GLU B 28 -4.60 4.63 1.89
N MET B 29 -4.98 3.67 2.74
CA MET B 29 -5.66 4.02 3.98
C MET B 29 -4.75 4.84 4.88
N LEU B 30 -3.52 4.37 5.08
CA LEU B 30 -2.60 5.06 5.97
C LEU B 30 -2.33 6.48 5.49
N ASN B 31 -2.06 6.64 4.19
CA ASN B 31 -1.76 7.97 3.65
C ASN B 31 -2.92 8.93 3.93
N ALA B 32 -4.14 8.49 3.64
CA ALA B 32 -5.29 9.37 3.79
C ALA B 32 -5.49 9.76 5.25
N ILE B 33 -5.28 8.81 6.18
CA ILE B 33 -5.43 9.09 7.61
C ILE B 33 -4.42 10.15 8.04
N PHE B 34 -3.16 10.01 7.61
CA PHE B 34 -2.13 10.96 8.02
C PHE B 34 -2.41 12.35 7.45
N GLU B 35 -2.75 12.42 6.16
CA GLU B 35 -3.08 13.71 5.55
C GLU B 35 -4.22 14.38 6.28
N ALA B 36 -5.19 13.61 6.76
CA ALA B 36 -6.28 14.19 7.54
C ALA B 36 -5.74 14.81 8.82
N GLY B 37 -4.99 14.04 9.60
CA GLY B 37 -4.40 14.58 10.81
C GLY B 37 -3.53 15.80 10.56
N ASN B 38 -2.83 15.81 9.44
CA ASN B 38 -1.99 16.96 9.11
C ASN B 38 -2.83 18.19 8.84
N GLU B 39 -3.94 18.03 8.11
CA GLU B 39 -4.77 19.17 7.72
C GLU B 39 -5.66 19.68 8.85
N GLU B 40 -5.95 18.84 9.84
CA GLU B 40 -6.74 19.23 11.00
C GLU B 40 -5.90 19.54 12.23
N ASN B 41 -4.57 19.41 12.13
CA ASN B 41 -3.68 19.62 13.27
C ASN B 41 -4.09 18.77 14.47
N SER B 42 -4.34 17.49 14.19
CA SER B 42 -4.90 16.54 15.13
C SER B 42 -3.93 15.40 15.44
N PRO B 43 -3.81 14.99 16.71
CA PRO B 43 -3.07 13.75 17.00
C PRO B 43 -3.77 12.55 16.39
N LEU B 44 -3.02 11.47 16.23
CA LEU B 44 -3.48 10.30 15.49
C LEU B 44 -3.28 9.04 16.32
N PHE B 45 -4.34 8.25 16.45
CA PHE B 45 -4.24 6.85 16.80
C PHE B 45 -4.42 6.04 15.53
N ILE B 46 -3.37 5.31 15.12
CA ILE B 46 -3.42 4.42 13.96
C ILE B 46 -3.51 2.99 14.48
N GLN B 47 -4.52 2.25 14.01
CA GLN B 47 -4.80 0.90 14.48
C GLN B 47 -4.60 -0.12 13.37
N ALA B 48 -4.16 -1.32 13.77
CA ALA B 48 -4.12 -2.47 12.87
C ALA B 48 -4.67 -3.68 13.61
N SER B 49 -5.71 -4.29 13.05
CA SER B 49 -6.22 -5.54 13.56
C SER B 49 -5.22 -6.67 13.29
N GLU B 50 -5.38 -7.76 14.04
CA GLU B 50 -4.59 -8.95 13.76
C GLU B 50 -4.74 -9.40 12.31
N GLY B 51 -5.94 -9.25 11.75
CA GLY B 51 -6.15 -9.64 10.36
C GLY B 51 -5.41 -8.73 9.39
N ALA B 52 -5.44 -7.42 9.65
CA ALA B 52 -4.71 -6.47 8.82
C ALA B 52 -3.21 -6.71 8.92
N ILE B 53 -2.73 -7.04 10.13
CA ILE B 53 -1.32 -7.37 10.30
C ILE B 53 -0.94 -8.60 9.47
N LYS B 54 -1.79 -9.62 9.46
CA LYS B 54 -1.50 -10.80 8.64
C LYS B 54 -1.50 -10.43 7.16
N TYR B 55 -2.37 -9.50 6.75
CA TYR B 55 -2.43 -9.07 5.35
C TYR B 55 -1.17 -8.34 4.93
N MET B 56 -0.73 -7.36 5.73
CA MET B 56 0.44 -6.55 5.40
C MET B 56 1.73 -7.24 5.80
N GLY B 57 1.69 -8.10 6.81
CA GLY B 57 2.90 -8.52 7.48
C GLY B 57 3.27 -7.43 8.48
N ILE B 58 3.58 -7.82 9.72
CA ILE B 58 3.76 -6.83 10.78
C ILE B 58 4.94 -5.92 10.46
N ASP B 59 5.93 -6.42 9.73
CA ASP B 59 7.09 -5.60 9.38
C ASP B 59 6.69 -4.43 8.47
N MET B 60 5.74 -4.66 7.56
CA MET B 60 5.27 -3.60 6.68
C MET B 60 4.29 -2.67 7.39
N ALA B 61 3.49 -3.21 8.31
CA ALA B 61 2.60 -2.36 9.10
C ALA B 61 3.39 -1.32 9.87
N VAL B 62 4.40 -1.75 10.62
CA VAL B 62 5.23 -0.81 11.36
C VAL B 62 6.07 0.02 10.39
N GLY B 63 6.60 -0.62 9.34
CA GLY B 63 7.48 0.08 8.43
C GLY B 63 6.82 1.28 7.77
N MET B 64 5.61 1.10 7.25
CA MET B 64 4.93 2.20 6.57
C MET B 64 4.57 3.30 7.55
N VAL B 65 4.17 2.94 8.77
CA VAL B 65 3.81 3.96 9.76
C VAL B 65 5.03 4.79 10.13
N LYS B 66 6.17 4.15 10.32
CA LYS B 66 7.38 4.89 10.68
C LYS B 66 7.80 5.83 9.55
N ILE B 67 7.60 5.41 8.29
CA ILE B 67 7.87 6.31 7.18
C ILE B 67 6.93 7.51 7.21
N MET B 68 5.64 7.25 7.44
CA MET B 68 4.67 8.34 7.50
C MET B 68 4.98 9.28 8.66
N CYS B 69 5.49 8.76 9.77
N CYS B 69 5.48 8.74 9.78
CA CYS B 69 5.84 9.61 10.91
CA CYS B 69 5.85 9.56 10.92
C CYS B 69 6.96 10.57 10.56
C CYS B 69 6.94 10.56 10.53
N GLU B 70 7.99 10.09 9.85
CA GLU B 70 9.06 10.98 9.42
C GLU B 70 8.55 12.02 8.44
N ARG B 71 7.53 11.68 7.65
CA ARG B 71 6.94 12.64 6.73
C ARG B 71 6.21 13.75 7.50
N TYR B 72 5.53 13.40 8.60
CA TYR B 72 4.79 14.36 9.42
C TYR B 72 5.29 14.25 10.87
N PRO B 73 6.52 14.71 11.14
CA PRO B 73 7.11 14.50 12.47
C PRO B 73 6.46 15.33 13.57
N HIS B 74 5.64 16.31 13.21
CA HIS B 74 4.99 17.18 14.17
C HIS B 74 3.67 16.62 14.70
N ILE B 75 3.20 15.48 14.19
CA ILE B 75 1.91 14.91 14.59
C ILE B 75 2.18 13.82 15.63
N PRO B 76 1.63 13.91 16.83
CA PRO B 76 1.70 12.77 17.76
C PRO B 76 0.97 11.57 17.16
N VAL B 77 1.66 10.44 17.07
CA VAL B 77 1.10 9.23 16.51
C VAL B 77 1.35 8.07 17.46
N ALA B 78 0.30 7.32 17.77
CA ALA B 78 0.42 6.01 18.40
C ALA B 78 0.04 4.93 17.41
N LEU B 79 0.78 3.83 17.44
CA LEU B 79 0.52 2.66 16.60
C LEU B 79 -0.01 1.55 17.50
N HIS B 80 -1.24 1.13 17.26
CA HIS B 80 -2.04 0.38 18.23
C HIS B 80 -2.48 -0.96 17.65
N LEU B 81 -2.26 -2.03 18.40
CA LEU B 81 -2.78 -3.34 18.03
C LEU B 81 -4.25 -3.41 18.44
N ASP B 82 -5.13 -3.56 17.46
CA ASP B 82 -6.56 -3.57 17.68
C ASP B 82 -7.06 -5.01 17.86
N HIS B 83 -7.75 -5.25 18.97
N HIS B 83 -7.75 -5.25 18.97
CA HIS B 83 -8.35 -6.55 19.27
CA HIS B 83 -8.35 -6.55 19.26
C HIS B 83 -7.32 -7.68 19.16
C HIS B 83 -7.32 -7.68 19.17
N GLY B 84 -6.24 -7.53 19.93
CA GLY B 84 -5.33 -8.63 20.13
C GLY B 84 -6.03 -9.73 20.90
N THR B 85 -5.82 -10.98 20.48
CA THR B 85 -6.56 -12.10 21.04
C THR B 85 -5.73 -12.95 21.99
N THR B 86 -4.41 -12.82 21.99
CA THR B 86 -3.54 -13.65 22.80
C THR B 86 -2.40 -12.82 23.36
N PHE B 87 -1.85 -13.27 24.49
CA PHE B 87 -0.63 -12.66 25.00
C PHE B 87 0.45 -12.61 23.92
N GLU B 88 0.61 -13.72 23.19
CA GLU B 88 1.71 -13.82 22.24
C GLU B 88 1.55 -12.82 21.10
N SER B 89 0.31 -12.59 20.66
CA SER B 89 0.06 -11.55 19.65
C SER B 89 0.49 -10.17 20.16
N CYS B 90 0.07 -9.83 21.38
CA CYS B 90 0.48 -8.55 21.96
C CYS B 90 2.00 -8.45 22.06
N GLU B 91 2.66 -9.54 22.46
CA GLU B 91 4.12 -9.51 22.62
C GLU B 91 4.79 -9.28 21.26
N LYS B 92 4.29 -9.93 20.22
CA LYS B 92 4.86 -9.74 18.88
C LYS B 92 4.71 -8.29 18.42
N ALA B 93 3.53 -7.71 18.66
CA ALA B 93 3.35 -6.29 18.35
C ALA B 93 4.34 -5.43 19.11
N VAL B 94 4.49 -5.69 20.41
CA VAL B 94 5.46 -4.93 21.22
C VAL B 94 6.84 -5.01 20.59
N LYS B 95 7.28 -6.22 20.26
CA LYS B 95 8.63 -6.40 19.72
C LYS B 95 8.78 -5.75 18.36
N ALA B 96 7.71 -5.70 17.57
CA ALA B 96 7.78 -5.14 16.23
C ALA B 96 7.77 -3.61 16.22
N GLY B 97 7.37 -2.97 17.32
CA GLY B 97 7.44 -1.53 17.42
C GLY B 97 6.11 -0.84 17.70
N PHE B 98 5.06 -1.61 17.95
CA PHE B 98 3.79 -0.99 18.32
C PHE B 98 3.94 -0.24 19.63
N THR B 99 3.26 0.90 19.74
CA THR B 99 3.34 1.73 20.92
C THR B 99 2.12 1.60 21.82
N SER B 100 1.14 0.81 21.40
CA SER B 100 -0.05 0.51 22.17
C SER B 100 -0.57 -0.85 21.73
N VAL B 101 -1.10 -1.63 22.68
CA VAL B 101 -1.67 -2.93 22.35
C VAL B 101 -2.97 -3.10 23.11
N MET B 102 -3.98 -3.63 22.42
CA MET B 102 -5.23 -4.02 23.04
C MET B 102 -5.29 -5.54 23.16
N ILE B 103 -5.58 -6.02 24.35
CA ILE B 103 -5.87 -7.42 24.60
C ILE B 103 -7.36 -7.53 24.89
N ASP B 104 -8.08 -8.27 24.05
CA ASP B 104 -9.52 -8.44 24.23
C ASP B 104 -9.79 -9.81 24.83
N ALA B 105 -10.13 -9.82 26.12
CA ALA B 105 -10.57 -11.02 26.81
C ALA B 105 -11.93 -10.78 27.47
N SER B 106 -12.73 -9.87 26.91
CA SER B 106 -14.01 -9.54 27.51
C SER B 106 -14.98 -10.72 27.48
N HIS B 107 -14.68 -11.74 26.68
CA HIS B 107 -15.51 -12.93 26.61
C HIS B 107 -15.21 -13.93 27.74
N HIS B 108 -14.09 -13.76 28.43
CA HIS B 108 -13.80 -14.58 29.61
C HIS B 108 -14.49 -14.00 30.84
N ALA B 109 -14.55 -14.80 31.90
CA ALA B 109 -15.03 -14.31 33.18
C ALA B 109 -14.06 -13.28 33.75
N PHE B 110 -14.55 -12.49 34.70
CA PHE B 110 -13.78 -11.38 35.23
C PHE B 110 -12.38 -11.79 35.65
N GLU B 111 -12.27 -12.91 36.36
CA GLU B 111 -10.98 -13.30 36.93
C GLU B 111 -9.97 -13.64 35.84
N GLU B 112 -10.42 -14.29 34.76
CA GLU B 112 -9.50 -14.68 33.70
C GLU B 112 -9.14 -13.48 32.82
N ASN B 113 -10.11 -12.61 32.56
CA ASN B 113 -9.83 -11.36 31.86
C ASN B 113 -8.79 -10.54 32.60
N LEU B 114 -8.99 -10.34 33.90
CA LEU B 114 -8.05 -9.57 34.70
C LEU B 114 -6.66 -10.20 34.71
N GLU B 115 -6.60 -11.53 34.83
CA GLU B 115 -5.31 -12.22 34.85
C GLU B 115 -4.55 -12.02 33.54
N LEU B 116 -5.21 -12.30 32.42
CA LEU B 116 -4.53 -12.18 31.12
C LEU B 116 -4.14 -10.73 30.83
N THR B 117 -5.03 -9.79 31.13
CA THR B 117 -4.71 -8.38 30.94
C THR B 117 -3.52 -7.96 31.79
N SER B 118 -3.47 -8.42 33.04
CA SER B 118 -2.36 -8.07 33.91
C SER B 118 -1.04 -8.59 33.36
N LYS B 119 -1.07 -9.80 32.80
CA LYS B 119 0.13 -10.38 32.18
C LYS B 119 0.60 -9.51 31.01
N VAL B 120 -0.33 -9.10 30.14
CA VAL B 120 0.04 -8.22 29.03
C VAL B 120 0.57 -6.89 29.55
N VAL B 121 -0.12 -6.31 30.55
CA VAL B 121 0.31 -5.02 31.07
C VAL B 121 1.74 -5.11 31.57
N LYS B 122 2.07 -6.17 32.31
CA LYS B 122 3.42 -6.31 32.83
C LYS B 122 4.43 -6.38 31.70
N MET B 123 4.08 -7.07 30.62
CA MET B 123 4.98 -7.21 29.49
C MET B 123 5.14 -5.90 28.74
N ALA B 124 4.02 -5.27 28.38
CA ALA B 124 4.07 -4.04 27.59
C ALA B 124 4.68 -2.88 28.38
N HIS B 125 4.29 -2.72 29.65
CA HIS B 125 4.83 -1.61 30.43
C HIS B 125 6.35 -1.73 30.56
N ASN B 126 6.86 -2.94 30.70
CA ASN B 126 8.30 -3.12 30.75
C ASN B 126 8.99 -2.63 29.48
N ALA B 127 8.28 -2.59 28.35
CA ALA B 127 8.83 -2.13 27.09
C ALA B 127 8.36 -0.72 26.73
N GLY B 128 7.74 0.00 27.65
CA GLY B 128 7.25 1.33 27.36
C GLY B 128 6.08 1.39 26.39
N VAL B 129 5.22 0.39 26.42
CA VAL B 129 4.03 0.33 25.56
C VAL B 129 2.80 0.38 26.44
N SER B 130 1.76 1.06 25.94
CA SER B 130 0.48 1.21 26.64
C SER B 130 -0.44 0.04 26.29
N VAL B 131 -1.43 -0.19 27.16
CA VAL B 131 -2.29 -1.35 27.04
C VAL B 131 -3.75 -0.93 27.15
N GLU B 132 -4.58 -1.47 26.26
CA GLU B 132 -6.03 -1.35 26.32
C GLU B 132 -6.64 -2.70 26.66
N ALA B 133 -7.73 -2.69 27.44
CA ALA B 133 -8.49 -3.90 27.73
C ALA B 133 -9.98 -3.60 27.58
N GLU B 134 -10.80 -4.65 27.69
CA GLU B 134 -12.23 -4.52 27.46
C GLU B 134 -13.02 -5.27 28.53
N LEU B 135 -14.15 -4.65 28.94
CA LEU B 135 -15.04 -5.23 29.93
C LEU B 135 -16.48 -5.13 29.45
N GLY B 136 -17.20 -6.24 29.49
CA GLY B 136 -18.55 -6.30 28.97
C GLY B 136 -18.60 -6.88 27.57
N ARG B 137 -19.81 -7.19 27.13
CA ARG B 137 -20.01 -7.85 25.84
C ARG B 137 -21.04 -7.13 24.98
N VAL B 153 -23.92 -8.16 27.19
CA VAL B 153 -23.86 -7.77 28.60
C VAL B 153 -23.03 -6.50 28.76
N LEU B 154 -23.62 -5.49 29.40
CA LEU B 154 -22.95 -4.22 29.55
C LEU B 154 -22.03 -4.23 30.76
N VAL B 155 -21.12 -3.24 30.79
CA VAL B 155 -20.07 -3.22 31.79
C VAL B 155 -20.67 -3.08 33.18
N ASN B 156 -20.06 -3.76 34.15
CA ASN B 156 -20.38 -3.56 35.55
C ASN B 156 -19.44 -2.49 36.09
N PRO B 157 -19.92 -1.27 36.38
CA PRO B 157 -18.99 -0.21 36.77
C PRO B 157 -18.11 -0.57 37.96
N LYS B 158 -18.64 -1.34 38.92
CA LYS B 158 -17.81 -1.73 40.06
C LYS B 158 -16.72 -2.72 39.65
N GLU B 159 -17.02 -3.61 38.69
CA GLU B 159 -15.97 -4.47 38.14
C GLU B 159 -14.90 -3.65 37.46
N ALA B 160 -15.30 -2.64 36.68
CA ALA B 160 -14.32 -1.80 36.00
C ALA B 160 -13.38 -1.13 36.99
N GLU B 161 -13.92 -0.68 38.12
CA GLU B 161 -13.09 0.00 39.11
C GLU B 161 -11.98 -0.91 39.62
N GLN B 162 -12.33 -2.12 40.07
N GLN B 162 -12.32 -2.13 40.04
CA GLN B 162 -11.33 -3.08 40.53
CA GLN B 162 -11.31 -3.05 40.54
C GLN B 162 -10.43 -3.51 39.39
C GLN B 162 -10.43 -3.57 39.40
N PHE B 163 -11.01 -3.79 38.23
CA PHE B 163 -10.21 -4.23 37.07
C PHE B 163 -9.07 -3.26 36.79
N VAL B 164 -9.38 -1.95 36.75
CA VAL B 164 -8.37 -0.96 36.42
C VAL B 164 -7.33 -0.87 37.52
N LYS B 165 -7.77 -0.87 38.79
CA LYS B 165 -6.82 -0.83 39.89
C LYS B 165 -5.91 -2.04 39.87
N GLU B 166 -6.49 -3.23 39.71
CA GLU B 166 -5.71 -4.47 39.77
C GLU B 166 -4.78 -4.60 38.57
N SER B 167 -5.27 -4.28 37.37
CA SER B 167 -4.50 -4.58 36.16
C SER B 167 -3.47 -3.51 35.84
N GLN B 168 -3.69 -2.27 36.28
CA GLN B 168 -2.87 -1.12 35.89
C GLN B 168 -2.94 -0.84 34.39
N VAL B 169 -4.06 -1.23 33.78
CA VAL B 169 -4.25 -0.98 32.35
C VAL B 169 -4.40 0.53 32.12
N ASP B 170 -3.90 0.98 30.97
CA ASP B 170 -3.83 2.42 30.71
C ASP B 170 -5.19 2.97 30.26
N TYR B 171 -5.92 2.23 29.44
CA TYR B 171 -7.26 2.64 29.04
C TYR B 171 -8.15 1.42 28.99
N LEU B 172 -9.46 1.66 29.04
CA LEU B 172 -10.46 0.61 29.14
C LEU B 172 -11.58 0.86 28.15
N ALA B 173 -12.01 -0.21 27.48
CA ALA B 173 -13.16 -0.16 26.59
C ALA B 173 -14.36 -0.74 27.32
N PRO B 174 -15.23 0.09 27.91
CA PRO B 174 -16.42 -0.45 28.56
C PRO B 174 -17.56 -0.65 27.57
N ALA B 175 -18.17 -1.83 27.56
CA ALA B 175 -19.34 -2.06 26.75
C ALA B 175 -20.50 -1.22 27.26
N ILE B 176 -21.09 -0.42 26.38
CA ILE B 176 -22.20 0.46 26.76
C ILE B 176 -23.28 0.43 25.68
N GLY B 177 -23.17 -0.48 24.72
CA GLY B 177 -24.22 -0.69 23.74
C GLY B 177 -23.81 -0.67 22.28
N THR B 178 -22.52 -0.53 22.00
CA THR B 178 -22.04 -0.50 20.61
C THR B 178 -21.66 -1.90 20.13
N SER B 179 -21.38 -2.00 18.84
CA SER B 179 -20.91 -3.24 18.24
C SER B 179 -20.22 -2.93 16.92
N GLN B 180 -19.21 -3.74 16.61
CA GLN B 180 -18.49 -3.61 15.35
C GLN B 180 -19.44 -3.77 14.17
N GLY B 181 -18.99 -3.27 13.02
CA GLY B 181 -19.66 -3.52 11.75
C GLY B 181 -20.61 -2.41 11.36
N ALA B 182 -21.22 -2.61 10.19
CA ALA B 182 -22.16 -1.64 9.63
C ALA B 182 -23.57 -1.81 10.17
N PHE B 183 -23.85 -2.87 10.92
CA PHE B 183 -25.19 -3.17 11.40
C PHE B 183 -25.16 -3.22 12.92
N LYS B 184 -25.17 -2.04 13.54
CA LYS B 184 -25.07 -1.94 15.00
C LYS B 184 -26.42 -2.03 15.69
N PHE B 185 -27.46 -1.45 15.08
CA PHE B 185 -28.78 -1.39 15.70
C PHE B 185 -29.82 -1.84 14.68
N LYS B 186 -30.56 -2.90 15.00
CA LYS B 186 -31.75 -3.27 14.25
C LYS B 186 -32.99 -2.55 14.77
N GLY B 187 -32.86 -1.71 15.80
CA GLY B 187 -33.94 -0.89 16.28
C GLY B 187 -33.54 0.57 16.33
N GLU B 188 -33.62 1.19 17.52
CA GLU B 188 -33.23 2.58 17.68
C GLU B 188 -31.85 2.68 18.34
N PRO B 189 -30.97 3.58 17.90
CA PRO B 189 -29.67 3.72 18.57
C PRO B 189 -29.83 4.14 20.02
N LYS B 190 -29.14 3.43 20.91
CA LYS B 190 -29.19 3.73 22.33
C LYS B 190 -27.88 3.31 22.97
N LEU B 191 -27.28 4.23 23.75
CA LEU B 191 -26.07 3.94 24.51
C LEU B 191 -26.31 4.31 25.97
N ASP B 192 -25.75 3.50 26.88
CA ASP B 192 -25.98 3.68 28.31
C ASP B 192 -25.00 4.72 28.83
N PHE B 193 -25.37 6.00 28.67
CA PHE B 193 -24.48 7.08 29.08
C PHE B 193 -24.34 7.16 30.60
N GLU B 194 -25.40 6.81 31.34
CA GLU B 194 -25.30 6.77 32.79
C GLU B 194 -24.26 5.75 33.23
N ARG B 195 -24.26 4.57 32.60
CA ARG B 195 -23.24 3.58 32.89
C ARG B 195 -21.85 4.10 32.54
N LEU B 196 -21.70 4.73 31.37
CA LEU B 196 -20.41 5.30 30.98
C LEU B 196 -19.91 6.29 32.03
N GLN B 197 -20.78 7.18 32.49
CA GLN B 197 -20.35 8.19 33.46
C GLN B 197 -19.92 7.55 34.77
N GLU B 198 -20.59 6.48 35.18
CA GLU B 198 -20.20 5.79 36.41
C GLU B 198 -18.81 5.17 36.26
N VAL B 199 -18.58 4.47 35.15
CA VAL B 199 -17.26 3.88 34.89
C VAL B 199 -16.18 4.95 34.94
N LYS B 200 -16.43 6.08 34.26
CA LYS B 200 -15.45 7.15 34.24
C LYS B 200 -15.18 7.68 35.63
N ARG B 201 -16.24 7.86 36.42
CA ARG B 201 -16.07 8.39 37.77
C ARG B 201 -15.23 7.46 38.63
N LEU B 202 -15.44 6.15 38.49
CA LEU B 202 -14.76 5.20 39.35
C LEU B 202 -13.34 4.88 38.88
N THR B 203 -13.07 4.95 37.58
CA THR B 203 -11.77 4.56 37.06
C THR B 203 -10.82 5.74 36.84
N ASN B 204 -11.35 6.89 36.41
CA ASN B 204 -10.52 8.08 36.17
C ASN B 204 -9.35 7.76 35.24
N ILE B 205 -9.62 7.01 34.19
CA ILE B 205 -8.63 6.77 33.14
C ILE B 205 -9.27 7.08 31.79
N PRO B 206 -8.49 7.19 30.72
CA PRO B 206 -9.08 7.30 29.38
C PRO B 206 -9.93 6.08 29.07
N LEU B 207 -11.07 6.33 28.41
CA LEU B 207 -11.98 5.26 28.03
C LEU B 207 -12.06 5.16 26.51
N VAL B 208 -12.41 3.96 26.02
CA VAL B 208 -12.38 3.64 24.61
C VAL B 208 -13.78 3.22 24.18
N LEU B 209 -14.23 3.73 23.03
CA LEU B 209 -15.49 3.31 22.44
C LEU B 209 -15.22 2.46 21.20
N HIS B 210 -15.65 1.20 21.25
N HIS B 210 -15.65 1.20 21.25
CA HIS B 210 -15.57 0.31 20.11
CA HIS B 210 -15.56 0.32 20.11
C HIS B 210 -16.84 0.38 19.28
C HIS B 210 -16.84 0.37 19.28
N GLY B 211 -16.72 0.00 18.01
CA GLY B 211 -17.86 0.01 17.11
C GLY B 211 -18.46 1.39 16.98
N ALA B 212 -17.61 2.40 16.78
CA ALA B 212 -18.03 3.80 16.83
C ALA B 212 -18.24 4.41 15.44
N SER B 213 -18.29 3.61 14.38
CA SER B 213 -18.57 4.18 13.06
C SER B 213 -19.99 4.74 13.04
N ALA B 214 -20.17 5.84 12.31
CA ALA B 214 -21.45 6.52 12.25
C ALA B 214 -22.21 6.29 10.94
N ILE B 215 -21.51 5.90 9.88
CA ILE B 215 -22.08 5.81 8.54
C ILE B 215 -22.81 7.11 8.24
N PRO B 216 -22.08 8.20 7.99
CA PRO B 216 -22.73 9.47 7.66
C PRO B 216 -23.60 9.38 6.42
N ASP B 217 -24.53 10.32 6.29
CA ASP B 217 -25.46 10.31 5.18
C ASP B 217 -24.73 10.45 3.84
N ASN B 218 -23.74 11.34 3.78
CA ASN B 218 -23.03 11.54 2.52
C ASN B 218 -22.25 10.30 2.13
N VAL B 219 -21.64 9.60 3.09
CA VAL B 219 -20.93 8.37 2.78
C VAL B 219 -21.90 7.29 2.34
N ARG B 220 -23.06 7.22 3.00
CA ARG B 220 -24.09 6.27 2.57
C ARG B 220 -24.54 6.57 1.15
N LYS B 221 -24.84 7.85 0.86
CA LYS B 221 -25.29 8.24 -0.46
C LYS B 221 -24.27 7.86 -1.52
N SER B 222 -22.98 8.08 -1.24
CA SER B 222 -21.94 7.77 -2.22
C SER B 222 -21.87 6.27 -2.48
N TYR B 223 -22.01 5.46 -1.43
CA TYR B 223 -21.92 4.02 -1.61
C TYR B 223 -23.11 3.48 -2.41
N LEU B 224 -24.32 3.92 -2.09
CA LEU B 224 -25.50 3.47 -2.82
C LEU B 224 -25.53 4.03 -4.24
N ASP B 225 -25.17 5.31 -4.41
CA ASP B 225 -25.08 5.88 -5.74
C ASP B 225 -24.10 5.12 -6.63
N ALA B 226 -23.15 4.40 -6.03
CA ALA B 226 -22.22 3.57 -6.79
C ALA B 226 -22.72 2.14 -6.97
N GLY B 227 -24.00 1.89 -6.70
CA GLY B 227 -24.55 0.56 -6.86
C GLY B 227 -24.33 -0.36 -5.67
N GLY B 228 -23.77 0.14 -4.58
CA GLY B 228 -23.56 -0.67 -3.41
C GLY B 228 -24.85 -0.93 -2.65
N ASP B 229 -24.74 -1.77 -1.63
CA ASP B 229 -25.87 -2.15 -0.79
C ASP B 229 -25.40 -2.26 0.64
N LEU B 230 -26.06 -1.53 1.55
CA LEU B 230 -25.66 -1.52 2.95
C LEU B 230 -26.61 -2.29 3.86
N LYS B 231 -27.60 -2.97 3.28
CA LYS B 231 -28.40 -3.97 4.00
C LYS B 231 -28.95 -3.42 5.32
N GLY B 232 -29.66 -2.30 5.22
CA GLY B 232 -30.25 -1.69 6.40
C GLY B 232 -29.23 -1.36 7.47
N SER B 233 -28.04 -0.90 7.07
CA SER B 233 -27.01 -0.54 8.02
C SER B 233 -27.46 0.61 8.92
N LYS B 234 -26.77 0.75 10.06
CA LYS B 234 -27.10 1.79 11.02
C LYS B 234 -25.92 1.99 11.95
N GLY B 235 -25.33 3.18 11.94
CA GLY B 235 -24.21 3.50 12.79
C GLY B 235 -24.60 4.37 13.99
N VAL B 236 -23.59 4.70 14.77
CA VAL B 236 -23.80 5.59 15.93
C VAL B 236 -24.05 7.01 15.44
N PRO B 237 -25.14 7.66 15.85
CA PRO B 237 -25.36 9.05 15.43
C PRO B 237 -24.27 9.98 15.94
N PHE B 238 -23.99 11.04 15.17
CA PHE B 238 -22.98 12.01 15.57
C PHE B 238 -23.22 12.52 16.97
N GLU B 239 -24.48 12.83 17.30
CA GLU B 239 -24.78 13.37 18.63
C GLU B 239 -24.48 12.35 19.72
N PHE B 240 -24.58 11.06 19.40
CA PHE B 240 -24.21 10.01 20.36
C PHE B 240 -22.70 9.98 20.56
N LEU B 241 -21.92 10.11 19.49
CA LEU B 241 -20.48 10.19 19.64
C LEU B 241 -20.07 11.41 20.44
N GLN B 242 -20.73 12.55 20.18
CA GLN B 242 -20.43 13.76 20.94
C GLN B 242 -20.77 13.57 22.42
N GLU B 243 -21.88 12.89 22.70
CA GLU B 243 -22.27 12.63 24.08
C GLU B 243 -21.32 11.66 24.76
N SER B 244 -20.75 10.71 24.01
N SER B 244 -20.77 10.71 24.01
CA SER B 244 -19.80 9.77 24.60
CA SER B 244 -19.79 9.76 24.56
C SER B 244 -18.53 10.48 25.04
C SER B 244 -18.55 10.49 25.05
N VAL B 245 -18.03 11.41 24.23
CA VAL B 245 -16.84 12.17 24.62
C VAL B 245 -17.16 13.01 25.86
N LYS B 246 -18.33 13.64 25.91
CA LYS B 246 -18.73 14.35 27.11
C LYS B 246 -18.78 13.41 28.31
N GLY B 247 -19.16 12.15 28.11
CA GLY B 247 -19.20 11.17 29.17
C GLY B 247 -17.86 10.59 29.59
N GLY B 248 -16.80 10.84 28.82
CA GLY B 248 -15.47 10.38 29.20
C GLY B 248 -14.78 9.50 28.17
N ILE B 249 -15.38 9.22 27.02
CA ILE B 249 -14.67 8.51 25.95
C ILE B 249 -13.59 9.41 25.38
N ASN B 250 -12.37 8.87 25.23
CA ASN B 250 -11.24 9.61 24.69
C ASN B 250 -10.61 8.96 23.47
N LYS B 251 -10.91 7.69 23.22
CA LYS B 251 -10.45 6.97 22.03
C LYS B 251 -11.68 6.37 21.36
N VAL B 252 -11.82 6.64 20.07
CA VAL B 252 -13.04 6.30 19.32
C VAL B 252 -12.60 5.46 18.14
N ASN B 253 -12.82 4.15 18.23
CA ASN B 253 -12.39 3.24 17.17
C ASN B 253 -13.27 3.40 15.94
N THR B 254 -12.65 3.60 14.78
CA THR B 254 -13.35 3.94 13.54
C THR B 254 -12.71 3.18 12.40
N ASP B 255 -13.53 2.44 11.65
CA ASP B 255 -13.04 1.51 10.64
C ASP B 255 -14.06 1.42 9.51
N THR B 256 -15.26 0.95 9.84
CA THR B 256 -16.30 0.73 8.84
C THR B 256 -16.57 2.00 8.03
N ASP B 257 -16.60 3.16 8.70
CA ASP B 257 -16.80 4.41 7.98
C ASP B 257 -15.73 4.60 6.92
N LEU B 258 -14.46 4.33 7.25
CA LEU B 258 -13.37 4.54 6.31
C LEU B 258 -13.50 3.63 5.10
N ARG B 259 -13.94 2.39 5.32
CA ARG B 259 -13.98 1.41 4.24
C ARG B 259 -15.13 1.70 3.27
N ILE B 260 -16.30 2.06 3.79
CA ILE B 260 -17.44 2.37 2.92
C ILE B 260 -17.11 3.58 2.05
N ALA B 261 -16.53 4.63 2.65
CA ALA B 261 -16.18 5.81 1.88
C ALA B 261 -15.16 5.48 0.80
N PHE B 262 -14.18 4.64 1.14
CA PHE B 262 -13.13 4.26 0.19
C PHE B 262 -13.71 3.46 -0.98
N ILE B 263 -14.42 2.36 -0.66
CA ILE B 263 -14.87 1.46 -1.71
C ILE B 263 -15.98 2.10 -2.55
N ALA B 264 -16.77 3.00 -1.95
CA ALA B 264 -17.75 3.74 -2.72
C ALA B 264 -17.12 4.38 -3.96
N GLU B 265 -15.94 4.97 -3.81
CA GLU B 265 -15.28 5.63 -4.93
C GLU B 265 -14.69 4.63 -5.91
N VAL B 266 -14.21 3.48 -5.41
CA VAL B 266 -13.68 2.45 -6.29
C VAL B 266 -14.78 1.90 -7.18
N ARG B 267 -15.93 1.57 -6.57
CA ARG B 267 -17.09 1.14 -7.33
C ARG B 267 -17.45 2.19 -8.38
N LYS B 268 -17.41 3.47 -7.98
CA LYS B 268 -17.78 4.55 -8.89
C LYS B 268 -16.89 4.57 -10.12
N VAL B 269 -15.56 4.62 -9.91
CA VAL B 269 -14.64 4.64 -11.04
C VAL B 269 -14.88 3.43 -11.94
N ALA B 270 -15.05 2.25 -11.35
CA ALA B 270 -15.27 1.05 -12.14
C ALA B 270 -16.52 1.17 -13.00
N ASN B 271 -17.60 1.71 -12.42
CA ASN B 271 -18.87 1.78 -13.13
C ASN B 271 -18.79 2.72 -14.33
N GLU B 272 -18.12 3.86 -14.16
CA GLU B 272 -18.19 4.96 -15.11
C GLU B 272 -17.10 4.90 -16.19
N ASP B 273 -16.16 3.96 -16.12
CA ASP B 273 -15.15 3.82 -17.17
C ASP B 273 -14.65 2.37 -17.15
N LYS B 274 -15.19 1.55 -18.05
CA LYS B 274 -14.84 0.14 -18.07
C LYS B 274 -13.45 -0.12 -18.64
N SER B 275 -12.81 0.87 -19.25
CA SER B 275 -11.44 0.72 -19.74
C SER B 275 -10.42 1.29 -18.78
N GLN B 276 -10.80 1.57 -17.54
CA GLN B 276 -9.91 2.15 -16.56
C GLN B 276 -9.24 1.05 -15.74
N PHE B 277 -7.92 0.95 -15.84
CA PHE B 277 -7.17 0.01 -15.01
C PHE B 277 -5.89 0.64 -14.47
N ASP B 278 -5.82 1.96 -14.41
CA ASP B 278 -4.76 2.64 -13.67
C ASP B 278 -5.16 2.69 -12.19
N LEU B 279 -4.34 2.08 -11.33
CA LEU B 279 -4.72 1.97 -9.93
C LEU B 279 -4.90 3.34 -9.28
N ARG B 280 -4.08 4.32 -9.68
CA ARG B 280 -4.18 5.66 -9.10
C ARG B 280 -5.52 6.32 -9.41
N LYS B 281 -6.10 6.01 -10.57
CA LYS B 281 -7.39 6.59 -10.91
C LYS B 281 -8.52 6.01 -10.07
N PHE B 282 -8.34 4.81 -9.51
CA PHE B 282 -9.31 4.26 -8.58
C PHE B 282 -9.06 4.77 -7.16
N PHE B 283 -7.81 4.82 -6.73
CA PHE B 283 -7.52 4.99 -5.30
C PHE B 283 -7.25 6.44 -4.89
N SER B 284 -6.94 7.33 -5.82
CA SER B 284 -6.83 8.75 -5.45
C SER B 284 -8.16 9.33 -5.01
N PRO B 285 -9.27 9.16 -5.74
CA PRO B 285 -10.56 9.62 -5.20
C PRO B 285 -10.98 8.84 -3.98
N ALA B 286 -10.56 7.58 -3.86
CA ALA B 286 -10.88 6.79 -2.67
C ALA B 286 -10.17 7.34 -1.44
N GLN B 287 -8.89 7.69 -1.58
CA GLN B 287 -8.17 8.33 -0.48
C GLN B 287 -8.85 9.63 -0.07
N LEU B 288 -9.22 10.46 -1.05
CA LEU B 288 -9.84 11.75 -0.72
C LEU B 288 -11.12 11.55 0.09
N ALA B 289 -11.96 10.59 -0.31
CA ALA B 289 -13.19 10.35 0.42
C ALA B 289 -12.91 9.85 1.83
N LEU B 290 -11.98 8.90 1.97
CA LEU B 290 -11.60 8.43 3.30
C LEU B 290 -11.05 9.59 4.15
N LYS B 291 -10.14 10.37 3.57
CA LYS B 291 -9.55 11.48 4.29
C LYS B 291 -10.61 12.44 4.82
N ASN B 292 -11.62 12.75 4.00
CA ASN B 292 -12.64 13.70 4.42
C ASN B 292 -13.46 13.13 5.58
N VAL B 293 -13.73 11.82 5.59
CA VAL B 293 -14.39 11.22 6.76
C VAL B 293 -13.53 11.42 8.00
N VAL B 294 -12.24 11.13 7.90
CA VAL B 294 -11.36 11.26 9.07
C VAL B 294 -11.33 12.70 9.55
N LYS B 295 -11.18 13.66 8.62
CA LYS B 295 -11.12 15.07 8.98
C LYS B 295 -12.36 15.49 9.76
N GLU B 296 -13.55 15.20 9.22
CA GLU B 296 -14.78 15.57 9.90
C GLU B 296 -14.89 14.89 11.26
N ARG B 297 -14.44 13.64 11.37
CA ARG B 297 -14.51 12.94 12.65
C ARG B 297 -13.60 13.58 13.68
N MET B 298 -12.42 14.06 13.26
CA MET B 298 -11.52 14.74 14.18
C MET B 298 -12.14 16.02 14.71
N LYS B 299 -12.85 16.74 13.84
CA LYS B 299 -13.53 17.95 14.28
C LYS B 299 -14.68 17.61 15.24
N LEU B 300 -15.50 16.62 14.87
CA LEU B 300 -16.60 16.21 15.74
C LEU B 300 -16.11 15.82 17.13
N LEU B 301 -15.05 15.01 17.19
CA LEU B 301 -14.57 14.48 18.47
C LEU B 301 -13.79 15.50 19.28
N GLY B 302 -13.32 16.57 18.65
CA GLY B 302 -12.62 17.62 19.38
C GLY B 302 -11.12 17.47 19.45
N SER B 303 -10.51 16.67 18.56
CA SER B 303 -9.06 16.56 18.50
C SER B 303 -8.44 17.49 17.47
N ALA B 304 -9.23 18.07 16.58
CA ALA B 304 -8.71 19.08 15.66
C ALA B 304 -8.07 20.23 16.42
N ASN B 305 -6.93 20.68 15.91
CA ASN B 305 -6.21 21.85 16.43
C ASN B 305 -5.66 21.62 17.83
N LYS B 306 -5.40 20.37 18.18
CA LYS B 306 -4.89 20.00 19.49
C LYS B 306 -3.40 19.69 19.50
N ILE B 307 -2.72 19.77 18.35
CA ILE B 307 -1.28 19.57 18.33
C ILE B 307 -0.59 20.81 18.91
NA NA C . 12.76 1.95 -17.92
ZN ZN D . 10.14 4.43 -23.87
ZN ZN E . 8.34 2.33 -21.35
P 13P F . 3.67 -2.16 -21.02
O1P 13P F . 2.79 -0.93 -21.06
O2P 13P F . 3.81 -2.89 -22.34
O3P 13P F . 3.43 -3.09 -19.86
O1 13P F . 5.12 -1.54 -20.74
C1 13P F . 5.34 -0.72 -19.60
C2 13P F . 6.62 0.05 -19.75
O2 13P F . 7.17 0.14 -20.84
C3 13P F . 7.33 0.57 -18.52
O3 13P F . 8.60 1.07 -18.92
H11 13P F . 5.37 -1.34 -18.70
H12 13P F . 4.50 -0.02 -19.48
H31 13P F . 6.74 1.38 -18.08
H32 13P F . 7.44 -0.22 -17.78
HO3 13P F . 9.07 1.42 -18.15
NA NA G . -8.69 -1.30 20.28
ZN ZN H . -14.60 -4.89 21.09
ZN ZN I . -13.65 -3.13 18.14
P 13P J . -16.73 0.21 13.41
O1P 13P J . -17.82 1.01 14.10
O2P 13P J . -17.19 -1.05 12.73
O3P 13P J . -15.77 1.07 12.60
O1 13P J . -15.86 -0.33 14.64
C1 13P J . -14.51 0.05 14.82
C2 13P J . -13.92 -0.77 15.92
O2 13P J . -14.62 -1.24 16.80
C3 13P J . -12.47 -1.20 15.79
O3 13P J . -12.00 -1.62 17.08
H11 13P J . -14.45 1.11 15.07
H12 13P J . -13.96 -0.12 13.89
H31 13P J . -11.87 -0.36 15.44
H32 13P J . -12.38 -2.01 15.08
HO3 13P J . -11.08 -1.90 17.00
#